data_2OCL
#
_entry.id   2OCL
#
_cell.length_a   88.790
_cell.length_b   88.790
_cell.length_c   86.010
_cell.angle_alpha   90.00
_cell.angle_beta   90.00
_cell.angle_gamma   120.00
#
_symmetry.space_group_name_H-M   'P 62'
#
loop_
_entity.id
_entity.type
_entity.pdbx_description
1 polymer 'Valacyclovir hydrolase'
2 non-polymer 'MANGANESE (II) ION'
3 non-polymer 'MAGNESIUM ION'
4 water water
#
_entity_poly.entity_id   1
_entity_poly.type   'polypeptide(L)'
_entity_poly.pdbx_seq_one_letter_code
;SVTSAKVAVNGVQLHYQQTGEGDHAVLLLPGMLGSGETDFGPQLKNLNKKLFTVVAWDPRGYGHSRPPDRDFPADFFERD
AKDAVDLMKALKFKKVSLLGWADGGITALIAAAKYPSYIHKMVIWGANAYVTDEDSMIYEGIRDVSKWSERTRKPLEALY
GYDYFARTCEKWVDGIRQFKHLPDGNICRHLLPRVQCPALIVHGEKDPLVPRFHADFIHKHVKGSRLHLMPEGKHNLHLR
FADEFNKLAEDFLQ
;
_entity_poly.pdbx_strand_id   A
#
loop_
_chem_comp.id
_chem_comp.type
_chem_comp.name
_chem_comp.formula
MG non-polymer 'MAGNESIUM ION' 'Mg 2'
MN non-polymer 'MANGANESE (II) ION' 'Mn 2'
#
# COMPACT_ATOMS: atom_id res chain seq x y z
N SER A 1 -14.37 -0.06 -17.17
CA SER A 1 -14.64 1.41 -17.17
C SER A 1 -14.27 2.00 -15.82
N VAL A 2 -13.29 2.89 -15.85
CA VAL A 2 -12.74 3.50 -14.66
C VAL A 2 -12.94 5.02 -14.61
N THR A 3 -13.41 5.51 -13.47
CA THR A 3 -13.64 6.93 -13.26
C THR A 3 -12.59 7.49 -12.29
N SER A 4 -12.02 8.65 -12.62
CA SER A 4 -11.03 9.31 -11.78
C SER A 4 -11.71 10.57 -11.23
N ALA A 5 -11.42 10.89 -9.97
CA ALA A 5 -12.04 12.06 -9.34
C ALA A 5 -11.31 12.43 -8.06
N LYS A 6 -11.71 13.56 -7.49
CA LYS A 6 -11.12 14.00 -6.23
C LYS A 6 -12.21 14.22 -5.19
N VAL A 7 -11.84 14.01 -3.94
CA VAL A 7 -12.78 14.18 -2.85
C VAL A 7 -12.00 14.86 -1.73
N ALA A 8 -12.65 15.81 -1.06
CA ALA A 8 -12.01 16.55 0.03
C ALA A 8 -11.98 15.70 1.29
N VAL A 9 -10.78 15.48 1.81
CA VAL A 9 -10.58 14.69 3.01
C VAL A 9 -9.49 15.30 3.87
N ASN A 10 -9.83 15.62 5.11
CA ASN A 10 -8.88 16.18 6.07
C ASN A 10 -8.00 17.31 5.54
N GLY A 11 -8.61 18.24 4.80
CA GLY A 11 -7.88 19.38 4.28
C GLY A 11 -7.13 19.21 2.97
N VAL A 12 -7.28 18.07 2.33
CA VAL A 12 -6.60 17.84 1.06
C VAL A 12 -7.58 17.25 0.03
N GLN A 13 -7.31 17.50 -1.24
CA GLN A 13 -8.14 16.97 -2.31
C GLN A 13 -7.45 15.70 -2.79
N LEU A 14 -7.96 14.55 -2.38
CA LEU A 14 -7.37 13.26 -2.75
C LEU A 14 -7.92 12.74 -4.06
N HIS A 15 -7.02 12.25 -4.90
CA HIS A 15 -7.42 11.68 -6.18
C HIS A 15 -7.64 10.19 -6.00
N TYR A 16 -8.54 9.63 -6.80
CA TYR A 16 -8.83 8.21 -6.74
C TYR A 16 -9.48 7.75 -8.04
N GLN A 17 -9.43 6.45 -8.27
CA GLN A 17 -10.04 5.84 -9.44
C GLN A 17 -11.02 4.82 -8.91
N GLN A 18 -12.17 4.71 -9.55
CA GLN A 18 -13.19 3.77 -9.13
C GLN A 18 -13.78 3.01 -10.30
N THR A 19 -14.12 1.75 -10.05
CA THR A 19 -14.68 0.91 -11.09
C THR A 19 -15.48 -0.21 -10.40
N GLY A 20 -16.40 -0.83 -11.13
CA GLY A 20 -17.19 -1.90 -10.57
C GLY A 20 -18.51 -1.49 -9.96
N GLU A 21 -19.41 -2.46 -9.78
CA GLU A 21 -20.71 -2.20 -9.20
C GLU A 21 -21.00 -3.14 -8.03
N GLY A 22 -20.04 -4.01 -7.71
CA GLY A 22 -20.22 -4.97 -6.63
C GLY A 22 -20.55 -4.39 -5.26
N ASP A 23 -21.14 -5.22 -4.42
CA ASP A 23 -21.53 -4.83 -3.06
C ASP A 23 -20.38 -4.88 -2.06
N HIS A 24 -19.27 -5.50 -2.47
CA HIS A 24 -18.10 -5.62 -1.61
C HIS A 24 -17.09 -4.55 -2.02
N ALA A 25 -16.98 -3.49 -1.22
CA ALA A 25 -16.06 -2.40 -1.52
C ALA A 25 -14.61 -2.73 -1.18
N VAL A 26 -13.71 -2.48 -2.12
CA VAL A 26 -12.30 -2.76 -1.92
C VAL A 26 -11.44 -1.52 -2.21
N LEU A 27 -10.54 -1.21 -1.30
CA LEU A 27 -9.64 -0.07 -1.48
C LEU A 27 -8.24 -0.62 -1.77
N LEU A 28 -7.61 -0.08 -2.81
CA LEU A 28 -6.27 -0.48 -3.20
C LEU A 28 -5.32 0.60 -2.72
N LEU A 29 -4.41 0.24 -1.81
CA LEU A 29 -3.45 1.19 -1.28
C LEU A 29 -2.06 1.00 -1.88
N PRO A 30 -1.57 2.04 -2.59
CA PRO A 30 -0.25 2.02 -3.25
C PRO A 30 0.93 2.12 -2.30
N GLY A 31 2.09 1.72 -2.79
CA GLY A 31 3.31 1.79 -1.99
C GLY A 31 3.97 3.15 -2.14
N MET A 32 5.24 3.23 -1.77
CA MET A 32 5.99 4.49 -1.84
C MET A 32 5.90 5.14 -3.22
N LEU A 33 5.65 6.45 -3.21
CA LEU A 33 5.53 7.25 -4.44
C LEU A 33 4.48 6.73 -5.41
N GLY A 34 3.63 5.80 -4.95
CA GLY A 34 2.64 5.22 -5.83
C GLY A 34 1.31 5.92 -6.02
N SER A 35 0.49 5.35 -6.89
CA SER A 35 -0.83 5.87 -7.22
C SER A 35 -1.65 4.76 -7.86
N GLY A 36 -2.95 4.99 -8.00
CA GLY A 36 -3.79 3.98 -8.63
C GLY A 36 -3.34 3.76 -10.07
N GLU A 37 -2.94 4.85 -10.72
CA GLU A 37 -2.49 4.78 -12.11
C GLU A 37 -1.21 3.98 -12.35
N THR A 38 -0.25 4.08 -11.42
CA THR A 38 1.02 3.38 -11.58
C THR A 38 1.13 2.05 -10.84
N ASP A 39 0.32 1.87 -9.80
CA ASP A 39 0.41 0.66 -8.99
C ASP A 39 -0.69 -0.39 -9.14
N PHE A 40 -1.84 -0.01 -9.69
CA PHE A 40 -2.96 -0.96 -9.77
C PHE A 40 -3.72 -1.12 -11.08
N GLY A 41 -3.08 -0.87 -12.22
CA GLY A 41 -3.75 -1.02 -13.49
C GLY A 41 -4.44 -2.36 -13.67
N PRO A 42 -3.73 -3.48 -13.43
CA PRO A 42 -4.31 -4.83 -13.58
C PRO A 42 -5.51 -5.10 -12.68
N GLN A 43 -5.47 -4.56 -11.48
CA GLN A 43 -6.56 -4.76 -10.52
C GLN A 43 -7.79 -3.94 -10.91
N LEU A 44 -7.58 -2.69 -11.28
CA LEU A 44 -8.67 -1.81 -11.69
C LEU A 44 -9.34 -2.33 -12.96
N LYS A 45 -8.59 -3.14 -13.70
CA LYS A 45 -9.11 -3.70 -14.93
C LYS A 45 -9.76 -5.07 -14.76
N ASN A 46 -9.05 -5.97 -14.08
CA ASN A 46 -9.53 -7.34 -13.91
C ASN A 46 -10.26 -7.85 -12.67
N LEU A 47 -10.19 -7.14 -11.54
CA LEU A 47 -10.92 -7.63 -10.37
C LEU A 47 -12.39 -7.67 -10.72
N ASN A 48 -13.08 -8.73 -10.30
CA ASN A 48 -14.49 -8.91 -10.62
C ASN A 48 -15.38 -7.70 -10.34
N LYS A 49 -15.81 -7.04 -11.40
CA LYS A 49 -16.64 -5.85 -11.28
C LYS A 49 -18.07 -6.14 -10.83
N LYS A 50 -18.46 -7.41 -10.83
CA LYS A 50 -19.80 -7.77 -10.39
C LYS A 50 -19.83 -8.04 -8.89
N LEU A 51 -18.71 -8.53 -8.36
CA LEU A 51 -18.60 -8.82 -6.93
C LEU A 51 -18.12 -7.61 -6.14
N PHE A 52 -17.24 -6.83 -6.75
CA PHE A 52 -16.67 -5.69 -6.05
C PHE A 52 -16.85 -4.33 -6.71
N THR A 53 -16.59 -3.30 -5.91
CA THR A 53 -16.58 -1.91 -6.33
C THR A 53 -15.14 -1.61 -5.87
N VAL A 54 -14.27 -1.37 -6.82
CA VAL A 54 -12.86 -1.13 -6.53
C VAL A 54 -12.44 0.34 -6.59
N VAL A 55 -11.76 0.79 -5.54
CA VAL A 55 -11.26 2.16 -5.48
C VAL A 55 -9.75 2.12 -5.26
N ALA A 56 -9.01 2.91 -6.04
CA ALA A 56 -7.56 2.99 -5.91
C ALA A 56 -7.28 4.45 -5.58
N TRP A 57 -6.77 4.71 -4.37
CA TRP A 57 -6.50 6.10 -3.96
C TRP A 57 -5.04 6.54 -4.10
N ASP A 58 -4.83 7.85 -4.11
CA ASP A 58 -3.51 8.43 -4.20
C ASP A 58 -3.26 9.14 -2.87
N PRO A 59 -2.30 8.63 -2.06
CA PRO A 59 -2.03 9.28 -0.78
C PRO A 59 -1.62 10.74 -1.00
N ARG A 60 -1.86 11.61 -0.02
CA ARG A 60 -1.51 13.03 -0.18
C ARG A 60 -0.05 13.19 -0.59
N GLY A 61 0.19 13.98 -1.63
CA GLY A 61 1.54 14.20 -2.09
C GLY A 61 1.99 13.20 -3.14
N TYR A 62 1.19 12.15 -3.35
CA TYR A 62 1.49 11.12 -4.34
C TYR A 62 0.47 11.22 -5.48
N GLY A 63 0.78 10.58 -6.60
CA GLY A 63 -0.14 10.58 -7.73
C GLY A 63 -0.67 11.96 -8.06
N HIS A 64 -1.99 12.08 -8.10
CA HIS A 64 -2.62 13.33 -8.44
C HIS A 64 -3.17 14.07 -7.24
N SER A 65 -2.82 13.60 -6.04
CA SER A 65 -3.26 14.25 -4.82
C SER A 65 -2.25 15.34 -4.48
N ARG A 66 -2.03 16.22 -5.45
CA ARG A 66 -1.10 17.34 -5.32
C ARG A 66 -1.77 18.60 -5.88
N PRO A 67 -1.75 19.70 -5.12
CA PRO A 67 -1.15 19.81 -3.79
C PRO A 67 -1.89 18.95 -2.78
N PRO A 68 -1.28 18.71 -1.60
CA PRO A 68 0.04 19.22 -1.21
C PRO A 68 1.18 18.36 -1.72
N ASP A 69 2.40 18.77 -1.40
CA ASP A 69 3.57 17.98 -1.77
C ASP A 69 3.74 17.00 -0.62
N ARG A 70 4.47 15.92 -0.87
CA ARG A 70 4.68 14.89 0.12
C ARG A 70 5.73 15.22 1.17
N ASP A 71 5.42 14.90 2.42
CA ASP A 71 6.35 15.08 3.52
C ASP A 71 6.19 13.83 4.38
N PHE A 72 7.22 13.50 5.16
CA PHE A 72 7.14 12.28 5.96
C PHE A 72 7.34 12.46 7.46
N PRO A 73 6.33 13.00 8.17
CA PRO A 73 6.46 13.18 9.61
C PRO A 73 6.46 11.79 10.25
N ALA A 74 6.83 11.71 11.52
CA ALA A 74 6.91 10.43 12.21
C ALA A 74 5.61 9.61 12.14
N ASP A 75 4.47 10.28 12.04
CA ASP A 75 3.20 9.58 11.97
C ASP A 75 2.62 9.52 10.56
N PHE A 76 3.46 9.63 9.54
CA PHE A 76 2.93 9.66 8.17
C PHE A 76 2.13 8.41 7.76
N PHE A 77 2.44 7.25 8.30
CA PHE A 77 1.66 6.05 7.96
C PHE A 77 0.28 6.16 8.60
N GLU A 78 0.23 6.68 9.82
CA GLU A 78 -1.03 6.84 10.52
C GLU A 78 -1.89 7.91 9.84
N ARG A 79 -1.25 8.95 9.34
CA ARG A 79 -1.96 10.02 8.65
C ARG A 79 -2.60 9.47 7.38
N ASP A 80 -1.85 8.66 6.64
CA ASP A 80 -2.36 8.04 5.43
C ASP A 80 -3.50 7.09 5.78
N ALA A 81 -3.35 6.33 6.86
CA ALA A 81 -4.38 5.38 7.28
C ALA A 81 -5.68 6.11 7.56
N LYS A 82 -5.61 7.25 8.24
CA LYS A 82 -6.81 8.02 8.54
C LYS A 82 -7.40 8.58 7.24
N ASP A 83 -6.55 9.10 6.37
CA ASP A 83 -7.01 9.64 5.09
C ASP A 83 -7.70 8.57 4.25
N ALA A 84 -7.11 7.39 4.20
CA ALA A 84 -7.66 6.29 3.41
C ALA A 84 -9.07 5.94 3.87
N VAL A 85 -9.23 5.73 5.17
CA VAL A 85 -10.55 5.39 5.71
C VAL A 85 -11.53 6.55 5.57
N ASP A 86 -11.07 7.78 5.80
CA ASP A 86 -11.98 8.91 5.65
C ASP A 86 -12.40 9.07 4.20
N LEU A 87 -11.51 8.73 3.26
CA LEU A 87 -11.84 8.82 1.84
C LEU A 87 -12.96 7.84 1.49
N MET A 88 -12.83 6.59 1.94
CA MET A 88 -13.86 5.61 1.64
C MET A 88 -15.18 5.99 2.33
N LYS A 89 -15.10 6.60 3.51
CA LYS A 89 -16.32 7.01 4.20
C LYS A 89 -16.94 8.19 3.44
N ALA A 90 -16.08 9.05 2.90
CA ALA A 90 -16.56 10.21 2.13
C ALA A 90 -17.28 9.71 0.89
N LEU A 91 -16.85 8.56 0.37
CA LEU A 91 -17.46 7.95 -0.81
C LEU A 91 -18.67 7.11 -0.45
N LYS A 92 -19.11 7.21 0.81
CA LYS A 92 -20.28 6.52 1.31
C LYS A 92 -20.24 5.01 1.48
N PHE A 93 -19.06 4.42 1.56
CA PHE A 93 -18.99 2.97 1.77
C PHE A 93 -19.12 2.73 3.27
N LYS A 94 -19.95 1.76 3.64
CA LYS A 94 -20.21 1.43 5.06
C LYS A 94 -19.14 0.54 5.69
N LYS A 95 -18.46 -0.23 4.84
CA LYS A 95 -17.40 -1.13 5.28
C LYS A 95 -16.58 -1.46 4.04
N VAL A 96 -15.30 -1.75 4.22
CA VAL A 96 -14.44 -2.04 3.09
C VAL A 96 -13.35 -3.04 3.40
N SER A 97 -12.81 -3.65 2.34
CA SER A 97 -11.71 -4.57 2.47
C SER A 97 -10.50 -3.80 1.94
N LEU A 98 -9.31 -4.17 2.39
CA LEU A 98 -8.12 -3.46 1.99
C LEU A 98 -7.09 -4.33 1.28
N LEU A 99 -6.56 -3.84 0.16
CA LEU A 99 -5.51 -4.53 -0.57
C LEU A 99 -4.36 -3.53 -0.54
N GLY A 100 -3.38 -3.78 0.32
CA GLY A 100 -2.27 -2.86 0.45
C GLY A 100 -0.91 -3.36 0.02
N TRP A 101 -0.24 -2.58 -0.81
CA TRP A 101 1.09 -2.93 -1.31
C TRP A 101 2.21 -2.15 -0.63
N ALA A 102 3.13 -2.89 -0.01
CA ALA A 102 4.29 -2.30 0.68
C ALA A 102 3.87 -1.21 1.65
N ASP A 103 4.29 0.04 1.42
CA ASP A 103 3.88 1.13 2.31
C ASP A 103 2.35 1.12 2.45
N GLY A 104 1.68 0.70 1.38
CA GLY A 104 0.22 0.62 1.40
C GLY A 104 -0.29 -0.49 2.29
N GLY A 105 0.52 -1.54 2.44
CA GLY A 105 0.16 -2.66 3.30
C GLY A 105 0.38 -2.26 4.75
N ILE A 106 1.44 -1.50 5.01
CA ILE A 106 1.71 -1.00 6.35
C ILE A 106 0.52 -0.12 6.71
N THR A 107 0.10 0.71 5.77
CA THR A 107 -1.03 1.61 5.98
C THR A 107 -2.31 0.82 6.26
N ALA A 108 -2.52 -0.27 5.53
CA ALA A 108 -3.70 -1.09 5.70
C ALA A 108 -3.74 -1.75 7.08
N LEU A 109 -2.59 -2.24 7.54
CA LEU A 109 -2.50 -2.86 8.87
C LEU A 109 -2.93 -1.86 9.94
N ILE A 110 -2.39 -0.64 9.83
CA ILE A 110 -2.71 0.41 10.79
C ILE A 110 -4.21 0.73 10.77
N ALA A 111 -4.79 0.87 9.59
CA ALA A 111 -6.21 1.16 9.47
C ALA A 111 -7.07 0.06 10.09
N ALA A 112 -6.71 -1.20 9.84
CA ALA A 112 -7.48 -2.32 10.40
C ALA A 112 -7.41 -2.29 11.92
N ALA A 113 -6.23 -1.99 12.47
CA ALA A 113 -6.07 -1.95 13.91
C ALA A 113 -6.78 -0.75 14.55
N LYS A 114 -6.75 0.40 13.90
CA LYS A 114 -7.37 1.59 14.46
C LYS A 114 -8.85 1.76 14.19
N TYR A 115 -9.34 1.20 13.09
CA TYR A 115 -10.75 1.31 12.74
C TYR A 115 -11.28 -0.09 12.41
N PRO A 116 -11.20 -1.02 13.39
CA PRO A 116 -11.65 -2.40 13.21
C PRO A 116 -13.09 -2.65 12.77
N SER A 117 -14.01 -1.78 13.17
CA SER A 117 -15.41 -1.97 12.78
C SER A 117 -15.65 -1.59 11.33
N TYR A 118 -14.70 -0.91 10.71
CA TYR A 118 -14.84 -0.47 9.33
C TYR A 118 -14.21 -1.41 8.31
N ILE A 119 -13.28 -2.25 8.76
CA ILE A 119 -12.57 -3.15 7.85
C ILE A 119 -13.09 -4.59 7.86
N HIS A 120 -13.46 -5.09 6.68
CA HIS A 120 -13.98 -6.44 6.52
C HIS A 120 -12.85 -7.48 6.45
N LYS A 121 -12.04 -7.40 5.38
CA LYS A 121 -10.91 -8.30 5.20
C LYS A 121 -9.73 -7.51 4.64
N MET A 122 -8.56 -8.13 4.65
CA MET A 122 -7.36 -7.45 4.19
C MET A 122 -6.34 -8.36 3.52
N VAL A 123 -5.75 -7.87 2.44
CA VAL A 123 -4.71 -8.58 1.70
C VAL A 123 -3.54 -7.61 1.57
N ILE A 124 -2.38 -7.97 2.11
CA ILE A 124 -1.22 -7.11 2.00
C ILE A 124 -0.03 -7.89 1.52
N TRP A 125 0.91 -7.21 0.86
CA TRP A 125 2.10 -7.86 0.36
C TRP A 125 3.26 -6.89 0.27
N GLY A 126 4.47 -7.36 0.57
CA GLY A 126 5.65 -6.52 0.52
C GLY A 126 5.75 -5.51 1.66
N ALA A 127 5.02 -5.75 2.74
CA ALA A 127 5.02 -4.82 3.89
C ALA A 127 5.95 -5.24 5.03
N ASN A 128 6.42 -4.25 5.79
CA ASN A 128 7.28 -4.51 6.93
C ASN A 128 6.80 -3.68 8.12
N ALA A 129 6.66 -4.33 9.27
CA ALA A 129 6.17 -3.64 10.47
C ALA A 129 7.24 -2.90 11.26
N TYR A 130 8.49 -3.01 10.81
CA TYR A 130 9.59 -2.34 11.49
C TYR A 130 10.79 -2.27 10.57
N VAL A 131 11.79 -1.48 10.96
CA VAL A 131 13.00 -1.30 10.16
C VAL A 131 14.26 -1.81 10.84
N THR A 132 15.03 -2.63 10.12
CA THR A 132 16.28 -3.16 10.65
C THR A 132 17.45 -2.54 9.89
N ASP A 133 18.66 -2.91 10.28
CA ASP A 133 19.85 -2.41 9.61
C ASP A 133 19.84 -2.86 8.14
N GLU A 134 19.43 -4.10 7.91
CA GLU A 134 19.36 -4.64 6.55
C GLU A 134 18.38 -3.84 5.69
N ASP A 135 17.27 -3.44 6.29
CA ASP A 135 16.27 -2.66 5.57
C ASP A 135 16.85 -1.28 5.27
N SER A 136 17.49 -0.68 6.26
CA SER A 136 18.09 0.64 6.09
C SER A 136 19.06 0.65 4.92
N MET A 137 19.83 -0.43 4.80
CA MET A 137 20.79 -0.54 3.71
C MET A 137 20.06 -0.63 2.37
N ILE A 138 18.97 -1.39 2.36
CA ILE A 138 18.17 -1.54 1.14
C ILE A 138 17.65 -0.18 0.69
N TYR A 139 17.05 0.56 1.62
CA TYR A 139 16.49 1.87 1.32
C TYR A 139 17.53 2.82 0.75
N GLU A 140 18.72 2.81 1.33
CA GLU A 140 19.79 3.67 0.88
C GLU A 140 20.13 3.39 -0.57
N GLY A 141 20.00 2.12 -0.97
CA GLY A 141 20.28 1.74 -2.34
C GLY A 141 19.19 2.14 -3.31
N ILE A 142 18.11 2.71 -2.77
CA ILE A 142 16.98 3.15 -3.58
C ILE A 142 16.94 4.67 -3.71
N ARG A 143 17.54 5.35 -2.75
CA ARG A 143 17.57 6.82 -2.72
C ARG A 143 17.80 7.51 -4.06
N ASP A 144 18.86 7.13 -4.75
CA ASP A 144 19.20 7.74 -6.04
C ASP A 144 18.38 7.18 -7.20
N VAL A 145 17.33 7.89 -7.59
CA VAL A 145 16.48 7.45 -8.69
C VAL A 145 17.20 7.35 -10.03
N SER A 146 18.26 8.13 -10.19
CA SER A 146 19.02 8.09 -11.45
C SER A 146 19.62 6.71 -11.68
N LYS A 147 19.87 5.99 -10.59
CA LYS A 147 20.45 4.65 -10.69
C LYS A 147 19.39 3.56 -10.80
N TRP A 148 18.12 3.97 -10.74
CA TRP A 148 17.01 3.03 -10.86
C TRP A 148 17.02 2.51 -12.29
N SER A 149 16.40 1.35 -12.51
CA SER A 149 16.34 0.79 -13.85
C SER A 149 15.51 1.76 -14.69
N GLU A 150 15.70 1.74 -16.01
CA GLU A 150 14.95 2.64 -16.87
C GLU A 150 13.48 2.31 -16.87
N ARG A 151 13.16 1.02 -16.80
CA ARG A 151 11.77 0.57 -16.80
C ARG A 151 10.98 1.02 -15.57
N THR A 152 11.61 0.97 -14.40
CA THR A 152 10.93 1.38 -13.17
C THR A 152 10.91 2.88 -12.96
N ARG A 153 11.83 3.59 -13.62
CA ARG A 153 11.89 5.03 -13.48
C ARG A 153 10.92 5.75 -14.41
N LYS A 154 10.80 5.25 -15.63
CA LYS A 154 9.92 5.84 -16.64
C LYS A 154 8.54 6.28 -16.16
N PRO A 155 7.73 5.34 -15.62
CA PRO A 155 6.38 5.67 -15.15
C PRO A 155 6.29 6.77 -14.09
N LEU A 156 7.18 6.74 -13.11
CA LEU A 156 7.16 7.75 -12.06
C LEU A 156 7.72 9.09 -12.54
N GLU A 157 8.68 9.04 -13.45
CA GLU A 157 9.27 10.26 -13.99
C GLU A 157 8.22 10.96 -14.83
N ALA A 158 7.41 10.18 -15.53
CA ALA A 158 6.36 10.71 -16.38
C ALA A 158 5.22 11.31 -15.56
N LEU A 159 4.94 10.71 -14.40
CA LEU A 159 3.88 11.17 -13.53
C LEU A 159 4.23 12.41 -12.72
N TYR A 160 5.45 12.44 -12.17
CA TYR A 160 5.90 13.55 -11.34
C TYR A 160 6.88 14.53 -11.97
N GLY A 161 7.62 14.07 -12.97
CA GLY A 161 8.64 14.91 -13.56
C GLY A 161 9.85 14.50 -12.76
N TYR A 162 11.04 14.51 -13.35
CA TYR A 162 12.24 14.08 -12.64
C TYR A 162 12.46 14.70 -11.27
N ASP A 163 12.45 16.03 -11.21
CA ASP A 163 12.67 16.76 -9.97
C ASP A 163 11.87 16.26 -8.77
N TYR A 164 10.55 16.31 -8.87
CA TYR A 164 9.70 15.88 -7.78
C TYR A 164 9.92 14.40 -7.45
N PHE A 165 10.07 13.60 -8.49
CA PHE A 165 10.30 12.16 -8.33
C PHE A 165 11.58 11.91 -7.54
N ALA A 166 12.67 12.51 -7.98
CA ALA A 166 13.96 12.35 -7.31
C ALA A 166 13.92 12.87 -5.88
N ARG A 167 13.43 14.09 -5.70
CA ARG A 167 13.36 14.71 -4.38
C ARG A 167 12.47 13.97 -3.39
N THR A 168 11.32 13.48 -3.85
CA THR A 168 10.40 12.77 -2.98
C THR A 168 10.95 11.40 -2.59
N CYS A 169 11.69 10.76 -3.50
CA CYS A 169 12.27 9.47 -3.21
C CYS A 169 13.30 9.62 -2.09
N GLU A 170 14.03 10.73 -2.10
CA GLU A 170 15.03 10.99 -1.07
C GLU A 170 14.36 11.23 0.27
N LYS A 171 13.26 11.97 0.25
CA LYS A 171 12.53 12.25 1.48
C LYS A 171 11.90 10.97 2.02
N TRP A 172 11.53 10.06 1.12
CA TRP A 172 10.95 8.79 1.54
C TRP A 172 12.01 7.98 2.27
N VAL A 173 13.21 7.91 1.70
CA VAL A 173 14.30 7.17 2.32
C VAL A 173 14.56 7.71 3.71
N ASP A 174 14.65 9.03 3.84
CA ASP A 174 14.89 9.65 5.14
C ASP A 174 13.68 9.41 6.04
N GLY A 175 12.49 9.45 5.44
CA GLY A 175 11.26 9.26 6.19
C GLY A 175 11.06 7.85 6.74
N ILE A 176 11.43 6.85 5.97
CA ILE A 176 11.26 5.48 6.43
C ILE A 176 12.44 5.02 7.30
N ARG A 177 13.61 5.64 7.11
CA ARG A 177 14.77 5.27 7.91
C ARG A 177 14.68 5.84 9.33
N GLN A 178 13.82 6.85 9.52
CA GLN A 178 13.67 7.49 10.84
C GLN A 178 13.18 6.52 11.91
N PHE A 179 12.45 5.48 11.49
CA PHE A 179 11.91 4.50 12.42
C PHE A 179 12.96 3.61 13.08
N LYS A 180 14.08 3.41 12.39
CA LYS A 180 15.15 2.56 12.92
C LYS A 180 15.62 3.04 14.29
N HIS A 181 15.54 4.35 14.51
CA HIS A 181 15.99 4.96 15.75
C HIS A 181 14.98 4.86 16.91
N LEU A 182 13.76 4.43 16.62
CA LEU A 182 12.74 4.30 17.64
C LEU A 182 12.88 2.92 18.30
N PRO A 183 12.27 2.73 19.48
CA PRO A 183 12.41 1.41 20.10
C PRO A 183 11.98 0.33 19.11
N ASP A 184 12.77 -0.74 19.02
CA ASP A 184 12.46 -1.85 18.14
C ASP A 184 12.36 -1.49 16.65
N GLY A 185 12.88 -0.32 16.28
CA GLY A 185 12.81 0.13 14.89
C GLY A 185 11.37 0.07 14.43
N ASN A 186 10.47 0.21 15.39
CA ASN A 186 9.04 0.09 15.16
C ASN A 186 8.27 1.05 14.27
N ILE A 187 7.44 0.47 13.42
CA ILE A 187 6.53 1.24 12.57
C ILE A 187 5.15 0.88 13.10
N CYS A 188 4.81 -0.41 13.09
CA CYS A 188 3.50 -0.84 13.58
C CYS A 188 3.45 -2.23 14.23
N ARG A 189 4.57 -2.67 14.81
CA ARG A 189 4.61 -3.97 15.48
C ARG A 189 3.52 -4.01 16.54
N HIS A 190 3.32 -2.89 17.22
CA HIS A 190 2.33 -2.78 18.30
C HIS A 190 0.86 -2.82 17.86
N LEU A 191 0.61 -2.63 16.57
CA LEU A 191 -0.77 -2.66 16.11
C LEU A 191 -1.17 -4.00 15.53
N LEU A 192 -0.20 -4.84 15.20
CA LEU A 192 -0.49 -6.15 14.64
C LEU A 192 -1.45 -6.95 15.53
N PRO A 193 -1.20 -6.98 16.86
CA PRO A 193 -2.08 -7.72 17.76
C PRO A 193 -3.50 -7.17 17.82
N ARG A 194 -3.70 -5.96 17.30
CA ARG A 194 -5.00 -5.32 17.33
C ARG A 194 -5.82 -5.49 16.04
N VAL A 195 -5.24 -6.16 15.04
CA VAL A 195 -5.95 -6.40 13.78
C VAL A 195 -6.96 -7.51 14.09
N GLN A 196 -8.25 -7.23 13.87
CA GLN A 196 -9.29 -8.21 14.18
C GLN A 196 -9.92 -8.88 12.96
N CYS A 197 -9.58 -8.42 11.76
CA CYS A 197 -10.17 -8.98 10.55
C CYS A 197 -9.30 -10.05 9.90
N PRO A 198 -9.93 -10.91 9.09
CA PRO A 198 -9.19 -11.98 8.40
C PRO A 198 -8.17 -11.29 7.50
N ALA A 199 -6.93 -11.78 7.53
CA ALA A 199 -5.88 -11.18 6.71
C ALA A 199 -5.07 -12.21 5.94
N LEU A 200 -4.71 -11.84 4.71
CA LEU A 200 -3.90 -12.68 3.84
C LEU A 200 -2.64 -11.91 3.52
N ILE A 201 -1.51 -12.46 3.92
CA ILE A 201 -0.22 -11.84 3.66
C ILE A 201 0.42 -12.60 2.52
N VAL A 202 0.64 -11.94 1.40
CA VAL A 202 1.29 -12.60 0.28
C VAL A 202 2.72 -12.13 0.22
N HIS A 203 3.64 -13.02 -0.11
CA HIS A 203 5.03 -12.63 -0.20
C HIS A 203 5.69 -13.28 -1.41
N GLY A 204 6.42 -12.49 -2.18
CA GLY A 204 7.13 -13.00 -3.33
C GLY A 204 8.48 -13.43 -2.78
N GLU A 205 8.79 -14.72 -2.87
CA GLU A 205 10.05 -15.21 -2.34
C GLU A 205 11.31 -14.59 -2.93
N LYS A 206 11.19 -14.01 -4.12
CA LYS A 206 12.33 -13.38 -4.76
C LYS A 206 12.31 -11.85 -4.61
N ASP A 207 11.47 -11.35 -3.71
CA ASP A 207 11.37 -9.92 -3.44
C ASP A 207 12.73 -9.45 -2.93
N PRO A 208 13.40 -8.56 -3.67
CA PRO A 208 14.72 -8.07 -3.25
C PRO A 208 14.68 -6.88 -2.27
N LEU A 209 13.50 -6.30 -2.10
CA LEU A 209 13.36 -5.14 -1.22
C LEU A 209 12.86 -5.45 0.18
N VAL A 210 12.14 -6.55 0.32
CA VAL A 210 11.59 -6.94 1.62
C VAL A 210 11.90 -8.39 1.96
N PRO A 211 12.82 -8.61 2.91
CA PRO A 211 13.17 -9.98 3.31
C PRO A 211 11.92 -10.71 3.81
N ARG A 212 11.86 -12.02 3.61
CA ARG A 212 10.70 -12.79 4.03
C ARG A 212 10.43 -12.75 5.54
N PHE A 213 11.45 -12.50 6.36
CA PHE A 213 11.21 -12.47 7.80
C PHE A 213 10.17 -11.43 8.20
N HIS A 214 9.99 -10.39 7.37
CA HIS A 214 8.99 -9.37 7.65
C HIS A 214 7.58 -9.90 7.46
N ALA A 215 7.41 -10.76 6.46
CA ALA A 215 6.09 -11.36 6.21
C ALA A 215 5.82 -12.41 7.29
N ASP A 216 6.85 -13.13 7.71
CA ASP A 216 6.69 -14.14 8.75
C ASP A 216 6.28 -13.46 10.05
N PHE A 217 6.88 -12.31 10.33
CA PHE A 217 6.60 -11.57 11.56
C PHE A 217 5.16 -11.07 11.58
N ILE A 218 4.72 -10.47 10.48
CA ILE A 218 3.36 -9.96 10.40
C ILE A 218 2.38 -11.14 10.54
N HIS A 219 2.68 -12.25 9.87
CA HIS A 219 1.82 -13.44 9.96
C HIS A 219 1.75 -13.94 11.40
N LYS A 220 2.88 -13.92 12.08
CA LYS A 220 2.94 -14.41 13.47
C LYS A 220 2.08 -13.60 14.44
N HIS A 221 2.06 -12.28 14.27
CA HIS A 221 1.31 -11.44 15.19
C HIS A 221 -0.09 -10.99 14.81
N VAL A 222 -0.49 -11.24 13.56
CA VAL A 222 -1.84 -10.90 13.15
C VAL A 222 -2.64 -12.19 13.30
N LYS A 223 -3.41 -12.27 14.39
CA LYS A 223 -4.21 -13.44 14.70
C LYS A 223 -5.12 -13.90 13.58
N GLY A 224 -5.11 -15.22 13.32
CA GLY A 224 -5.96 -15.79 12.28
C GLY A 224 -5.53 -15.48 10.86
N SER A 225 -4.37 -14.84 10.71
CA SER A 225 -3.90 -14.50 9.37
C SER A 225 -3.37 -15.70 8.61
N ARG A 226 -3.29 -15.57 7.29
CA ARG A 226 -2.77 -16.63 6.44
C ARG A 226 -1.63 -16.00 5.67
N LEU A 227 -0.57 -16.78 5.45
CA LEU A 227 0.59 -16.32 4.72
C LEU A 227 0.73 -17.16 3.45
N HIS A 228 0.86 -16.51 2.31
CA HIS A 228 1.00 -17.24 1.05
C HIS A 228 2.28 -16.86 0.32
N LEU A 229 3.17 -17.84 0.15
CA LEU A 229 4.44 -17.58 -0.53
C LEU A 229 4.40 -17.93 -2.01
N MET A 230 4.92 -17.02 -2.82
CA MET A 230 4.98 -17.19 -4.27
C MET A 230 6.45 -17.33 -4.62
N PRO A 231 6.90 -18.56 -4.94
CA PRO A 231 8.29 -18.85 -5.30
C PRO A 231 8.94 -17.89 -6.30
N GLU A 232 8.21 -17.53 -7.35
CA GLU A 232 8.76 -16.66 -8.38
C GLU A 232 8.42 -15.17 -8.21
N GLY A 233 7.57 -14.86 -7.25
CA GLY A 233 7.18 -13.48 -7.05
C GLY A 233 8.27 -12.59 -6.50
N LYS A 234 8.29 -11.35 -6.96
CA LYS A 234 9.24 -10.37 -6.48
C LYS A 234 8.43 -9.32 -5.74
N HIS A 235 8.92 -8.08 -5.68
CA HIS A 235 8.18 -7.05 -4.97
C HIS A 235 6.90 -6.63 -5.70
N ASN A 236 6.95 -6.61 -7.02
CA ASN A 236 5.79 -6.21 -7.82
C ASN A 236 4.96 -7.40 -8.31
N LEU A 237 4.83 -8.41 -7.46
CA LEU A 237 4.08 -9.61 -7.81
C LEU A 237 2.64 -9.43 -8.30
N HIS A 238 1.95 -8.39 -7.84
CA HIS A 238 0.56 -8.17 -8.28
C HIS A 238 0.51 -7.61 -9.70
N LEU A 239 1.67 -7.25 -10.23
CA LEU A 239 1.75 -6.70 -11.59
C LEU A 239 2.36 -7.74 -12.53
N ARG A 240 3.45 -8.35 -12.10
CA ARG A 240 4.12 -9.38 -12.90
C ARG A 240 3.28 -10.65 -12.96
N PHE A 241 2.62 -10.99 -11.86
CA PHE A 241 1.76 -12.17 -11.80
C PHE A 241 0.36 -11.74 -11.43
N ALA A 242 -0.17 -10.76 -12.16
CA ALA A 242 -1.49 -10.22 -11.91
C ALA A 242 -2.62 -11.24 -11.85
N ASP A 243 -2.69 -12.14 -12.82
CA ASP A 243 -3.77 -13.13 -12.83
C ASP A 243 -3.71 -14.04 -11.60
N GLU A 244 -2.51 -14.52 -11.28
CA GLU A 244 -2.34 -15.40 -10.12
C GLU A 244 -2.72 -14.65 -8.84
N PHE A 245 -2.19 -13.43 -8.69
CA PHE A 245 -2.48 -12.63 -7.52
C PHE A 245 -3.95 -12.29 -7.40
N ASN A 246 -4.56 -11.83 -8.49
CA ASN A 246 -5.97 -11.46 -8.47
C ASN A 246 -6.84 -12.63 -8.00
N LYS A 247 -6.53 -13.82 -8.47
CA LYS A 247 -7.30 -15.00 -8.08
C LYS A 247 -7.13 -15.23 -6.57
N LEU A 248 -5.88 -15.16 -6.10
CA LEU A 248 -5.59 -15.34 -4.68
C LEU A 248 -6.40 -14.36 -3.85
N ALA A 249 -6.40 -13.09 -4.29
CA ALA A 249 -7.12 -12.05 -3.57
C ALA A 249 -8.63 -12.19 -3.63
N GLU A 250 -9.17 -12.46 -4.82
CA GLU A 250 -10.62 -12.63 -4.96
C GLU A 250 -11.14 -13.83 -4.18
N ASP A 251 -10.40 -14.92 -4.20
CA ASP A 251 -10.84 -16.10 -3.47
C ASP A 251 -10.86 -15.81 -1.97
N PHE A 252 -9.86 -15.10 -1.48
CA PHE A 252 -9.79 -14.78 -0.07
C PHE A 252 -10.90 -13.81 0.36
N LEU A 253 -11.16 -12.80 -0.46
CA LEU A 253 -12.17 -11.79 -0.15
C LEU A 253 -13.61 -12.29 -0.12
N GLN A 254 -13.89 -13.37 -0.84
CA GLN A 254 -15.24 -13.92 -0.87
C GLN A 254 -15.55 -14.78 0.34
MN MN B . -4.55 9.37 -9.54
MG MG C . 12.14 -5.42 20.58
#